data_2H31
#
_entry.id   2H31
#
_cell.length_a   133.666
_cell.length_b   133.666
_cell.length_c   60.618
_cell.angle_alpha   90.00
_cell.angle_beta   90.00
_cell.angle_gamma   90.00
#
_symmetry.space_group_name_H-M   'P 4 2 2'
#
loop_
_entity.id
_entity.type
_entity.pdbx_description
1 polymer 'Multifunctional protein ADE2'
2 non-polymer 'CARBON DIOXIDE'
3 water water
#
_entity_poly.entity_id   1
_entity_poly.type   'polypeptide(L)'
_entity_poly.pdbx_seq_one_letter_code
;(MSE)ATAEVLNIGKKLYEGKTKEVYELLDSPGKVLLQSKDQITAGNAARKNHLEGKAAISNKITSCIFQLLQEAGIKTA
FTRKCGETAFIAPQCE(MSE)IPIEWVCRRIATGSFLKRNPGVKEGYKFYPPKVELFFKDDANNDPQWSEEQLIAAKFCF
AGLLIGQTEVDI(MSE)SHATQAIFEILEKSWLPQNCTLVD(MSE)KIEFGVDVTTKEIVLADVIDNDSWRLWPSGDRSQ
QKDKQSYRDLKEVTPEGLQ(MSE)VKKNFEWVAERVELLLKSESQCRVVVL(MSE)GSTSDLGHCEKIKKACGNFGIPCE
LRVTSAHKGPDETLRIKAEYEGDGIPTVFVAVAGRSNGLGPV(MSE)SGNTAYPVISCPPLTPDWGVQDVWSSLRLPSGL
GCSTVLSPEGSAQFAAQIFGLSNHLVWSKLRASILNTWISLKQADKKIRECNL
;
_entity_poly.pdbx_strand_id   A
#
loop_
_chem_comp.id
_chem_comp.type
_chem_comp.name
_chem_comp.formula
CO2 non-polymer 'CARBON DIOXIDE' 'C O2'
#
# COMPACT_ATOMS: atom_id res chain seq x y z
N LEU A 7 -12.05 -16.83 -25.98
CA LEU A 7 -13.44 -16.32 -26.01
C LEU A 7 -14.08 -16.35 -24.61
N ASN A 8 -14.22 -17.55 -24.04
CA ASN A 8 -14.79 -17.78 -22.70
C ASN A 8 -15.40 -19.17 -22.57
N ILE A 9 -15.30 -19.77 -21.40
CA ILE A 9 -15.86 -21.11 -21.14
C ILE A 9 -16.53 -21.18 -19.77
N GLY A 10 -16.10 -22.11 -18.93
CA GLY A 10 -16.67 -22.23 -17.60
C GLY A 10 -17.26 -23.56 -17.19
N LYS A 11 -17.15 -23.90 -15.91
CA LYS A 11 -17.69 -25.13 -15.35
C LYS A 11 -18.67 -24.75 -14.22
N LYS A 12 -18.50 -25.31 -13.03
CA LYS A 12 -19.41 -24.99 -11.92
C LYS A 12 -18.75 -24.20 -10.80
N LEU A 13 -18.15 -24.91 -9.85
CA LEU A 13 -17.45 -24.34 -8.70
C LEU A 13 -18.34 -23.73 -7.63
N TYR A 14 -17.74 -22.92 -6.77
CA TYR A 14 -18.45 -22.26 -5.66
C TYR A 14 -18.92 -20.84 -5.95
N GLU A 15 -19.29 -20.13 -4.90
CA GLU A 15 -19.75 -18.75 -5.00
C GLU A 15 -20.06 -18.16 -3.61
N GLY A 16 -20.25 -16.85 -3.56
CA GLY A 16 -20.55 -16.19 -2.30
C GLY A 16 -21.96 -15.64 -2.25
N LYS A 17 -22.12 -14.43 -1.75
CA LYS A 17 -23.44 -13.81 -1.66
C LYS A 17 -23.72 -12.83 -2.78
N THR A 18 -22.65 -12.24 -3.32
CA THR A 18 -22.78 -11.27 -4.40
C THR A 18 -22.35 -11.83 -5.74
N LYS A 19 -21.45 -12.81 -5.74
CA LYS A 19 -20.97 -13.37 -7.00
C LYS A 19 -20.96 -14.89 -7.04
N GLU A 20 -20.87 -15.43 -8.25
CA GLU A 20 -20.82 -16.87 -8.49
C GLU A 20 -19.54 -17.18 -9.24
N VAL A 21 -18.63 -17.89 -8.58
CA VAL A 21 -17.35 -18.25 -9.17
C VAL A 21 -17.44 -19.42 -10.14
N TYR A 22 -16.92 -19.23 -11.35
CA TYR A 22 -16.95 -20.29 -12.35
C TYR A 22 -15.57 -20.66 -12.84
N GLU A 23 -15.41 -21.93 -13.19
CA GLU A 23 -14.15 -22.44 -13.71
C GLU A 23 -13.94 -21.75 -15.05
N LEU A 24 -12.76 -21.92 -15.65
CA LEU A 24 -12.46 -21.30 -16.93
C LEU A 24 -11.48 -22.11 -17.74
N LEU A 25 -11.99 -23.11 -18.44
CA LEU A 25 -11.14 -23.93 -19.30
C LEU A 25 -10.49 -22.92 -20.25
N ASP A 26 -9.43 -23.33 -20.93
CA ASP A 26 -8.73 -22.44 -21.88
C ASP A 26 -7.84 -21.43 -21.14
N SER A 27 -7.64 -21.67 -19.85
CA SER A 27 -6.81 -20.82 -19.02
C SER A 27 -6.92 -21.25 -17.57
N PRO A 28 -6.10 -22.23 -17.16
CA PRO A 28 -6.12 -22.75 -15.79
C PRO A 28 -5.47 -21.77 -14.82
N GLY A 29 -5.70 -21.99 -13.53
CA GLY A 29 -5.15 -21.10 -12.52
C GLY A 29 -6.07 -19.90 -12.35
N LYS A 30 -5.84 -18.87 -13.17
CA LYS A 30 -6.67 -17.68 -13.12
C LYS A 30 -8.00 -18.11 -13.71
N VAL A 31 -8.14 -19.43 -13.81
CA VAL A 31 -9.30 -20.12 -14.33
C VAL A 31 -10.57 -19.82 -13.50
N LEU A 32 -10.79 -18.55 -13.16
CA LEU A 32 -11.99 -18.18 -12.40
C LEU A 32 -12.67 -16.93 -12.91
N LEU A 33 -14.00 -16.96 -12.92
CA LEU A 33 -14.82 -15.84 -13.37
C LEU A 33 -15.88 -15.54 -12.31
N GLN A 34 -16.01 -14.28 -11.92
CA GLN A 34 -16.99 -13.84 -10.92
C GLN A 34 -18.12 -13.11 -11.61
N SER A 35 -19.34 -13.63 -11.54
CA SER A 35 -20.46 -12.99 -12.20
C SER A 35 -21.62 -12.85 -11.21
N LYS A 36 -22.57 -11.99 -11.55
CA LYS A 36 -23.75 -11.79 -10.71
C LYS A 36 -24.91 -11.20 -11.52
N GLY A 52 -32.07 -3.35 -10.39
CA GLY A 52 -30.80 -4.03 -10.27
C GLY A 52 -29.66 -3.06 -10.03
N LYS A 53 -28.49 -3.59 -9.63
CA LYS A 53 -27.30 -2.79 -9.36
C LYS A 53 -26.05 -3.63 -9.13
N ALA A 54 -26.04 -4.86 -9.64
CA ALA A 54 -24.90 -5.75 -9.47
C ALA A 54 -23.69 -5.27 -10.27
N ALA A 55 -23.94 -4.45 -11.28
CA ALA A 55 -22.89 -3.90 -12.13
C ALA A 55 -22.12 -2.83 -11.37
N ILE A 56 -22.81 -2.17 -10.44
CA ILE A 56 -22.20 -1.16 -9.60
C ILE A 56 -21.24 -1.92 -8.69
N SER A 57 -21.76 -2.94 -8.03
CA SER A 57 -20.96 -3.75 -7.12
C SER A 57 -19.70 -4.32 -7.76
N ASN A 58 -19.70 -4.50 -9.07
CA ASN A 58 -18.55 -5.04 -9.77
C ASN A 58 -17.56 -3.92 -10.15
N LYS A 59 -18.11 -2.74 -10.43
CA LYS A 59 -17.29 -1.58 -10.78
C LYS A 59 -16.49 -1.15 -9.55
N ILE A 60 -17.15 -1.20 -8.39
CA ILE A 60 -16.50 -0.82 -7.13
C ILE A 60 -15.41 -1.82 -6.79
N THR A 61 -15.78 -3.10 -6.77
CA THR A 61 -14.84 -4.15 -6.41
C THR A 61 -13.69 -4.26 -7.39
N SER A 62 -13.85 -3.71 -8.60
CA SER A 62 -12.81 -3.79 -9.60
C SER A 62 -11.76 -2.70 -9.42
N CYS A 63 -12.17 -1.60 -8.81
CA CYS A 63 -11.26 -0.49 -8.55
C CYS A 63 -10.52 -0.77 -7.26
N ILE A 64 -11.26 -0.99 -6.19
CA ILE A 64 -10.61 -1.26 -4.92
C ILE A 64 -9.54 -2.33 -5.09
N PHE A 65 -9.83 -3.35 -5.90
CA PHE A 65 -8.87 -4.42 -6.13
C PHE A 65 -7.68 -3.92 -6.93
N GLN A 66 -7.94 -3.26 -8.05
CA GLN A 66 -6.87 -2.74 -8.87
C GLN A 66 -6.02 -1.80 -8.02
N LEU A 67 -6.68 -1.03 -7.15
CA LEU A 67 -6.03 -0.09 -6.27
C LEU A 67 -5.12 -0.81 -5.28
N LEU A 68 -5.70 -1.72 -4.52
CA LEU A 68 -4.94 -2.45 -3.52
C LEU A 68 -3.80 -3.24 -4.16
N GLN A 69 -4.03 -3.64 -5.39
CA GLN A 69 -3.05 -4.43 -6.12
C GLN A 69 -1.85 -3.58 -6.56
N GLU A 70 -2.14 -2.39 -7.08
CA GLU A 70 -1.09 -1.47 -7.53
C GLU A 70 -0.32 -0.97 -6.31
N ALA A 71 -0.95 -1.01 -5.15
CA ALA A 71 -0.29 -0.55 -3.94
C ALA A 71 0.69 -1.64 -3.51
N GLY A 72 0.39 -2.89 -3.88
CA GLY A 72 1.28 -3.96 -3.53
C GLY A 72 0.68 -5.10 -2.74
N ILE A 73 -0.60 -4.97 -2.38
CA ILE A 73 -1.29 -6.01 -1.62
C ILE A 73 -1.57 -7.21 -2.51
N LYS A 74 -1.25 -8.40 -2.01
CA LYS A 74 -1.50 -9.62 -2.78
C LYS A 74 -3.01 -9.83 -2.77
N THR A 75 -3.66 -9.64 -3.91
CA THR A 75 -5.10 -9.81 -3.95
C THR A 75 -5.56 -10.61 -5.16
N ALA A 76 -6.56 -11.45 -4.94
CA ALA A 76 -7.13 -12.31 -5.97
C ALA A 76 -7.93 -11.50 -6.99
N PHE A 77 -7.24 -10.99 -8.00
CA PHE A 77 -7.88 -10.19 -9.05
C PHE A 77 -6.93 -10.11 -10.22
N THR A 78 -7.46 -10.31 -11.41
CA THR A 78 -6.67 -10.24 -12.62
C THR A 78 -7.14 -9.04 -13.42
N ARG A 79 -8.19 -9.20 -14.20
CA ARG A 79 -8.72 -8.08 -14.98
C ARG A 79 -10.23 -8.00 -14.82
N LYS A 80 -10.78 -6.83 -15.14
CA LYS A 80 -12.23 -6.68 -15.05
C LYS A 80 -12.79 -7.41 -16.26
N CYS A 81 -14.04 -7.87 -16.15
CA CYS A 81 -14.64 -8.61 -17.25
C CYS A 81 -16.09 -8.21 -17.48
N GLY A 82 -16.33 -7.44 -18.53
CA GLY A 82 -17.68 -7.03 -18.82
C GLY A 82 -18.16 -6.01 -17.81
N GLU A 83 -19.46 -6.02 -17.54
CA GLU A 83 -20.07 -5.08 -16.61
C GLU A 83 -20.26 -5.68 -15.23
N THR A 84 -20.59 -6.96 -15.20
CA THR A 84 -20.84 -7.64 -13.95
C THR A 84 -19.96 -8.86 -13.74
N ALA A 85 -18.67 -8.71 -14.02
CA ALA A 85 -17.76 -9.82 -13.85
C ALA A 85 -16.31 -9.40 -13.84
N PHE A 86 -15.46 -10.28 -13.31
CA PHE A 86 -14.04 -10.06 -13.27
C PHE A 86 -13.36 -11.41 -13.02
N ILE A 87 -12.28 -11.67 -13.76
CA ILE A 87 -11.56 -12.92 -13.59
C ILE A 87 -10.46 -12.70 -12.56
N ALA A 88 -10.13 -13.76 -11.84
CA ALA A 88 -9.11 -13.67 -10.81
C ALA A 88 -8.54 -15.06 -10.65
N PRO A 89 -7.39 -15.18 -9.97
CA PRO A 89 -6.85 -16.53 -9.81
C PRO A 89 -7.74 -17.39 -8.92
N GLN A 90 -7.76 -18.69 -9.19
CA GLN A 90 -8.56 -19.63 -8.42
C GLN A 90 -7.93 -19.83 -7.06
N CYS A 91 -8.75 -19.91 -6.04
CA CYS A 91 -8.21 -20.10 -4.69
C CYS A 91 -9.27 -20.59 -3.71
N GLU A 92 -8.81 -21.31 -2.68
CA GLU A 92 -9.70 -21.82 -1.66
C GLU A 92 -9.89 -20.75 -0.60
N MSE A 93 -11.14 -20.39 -0.35
CA MSE A 93 -11.45 -19.36 0.62
C MSE A 93 -11.30 -19.77 2.07
O MSE A 93 -11.39 -20.94 2.43
CB MSE A 93 -12.86 -18.86 0.38
CG MSE A 93 -13.10 -18.42 -1.04
SE MSE A 93 -12.32 -16.72 -1.39
CE MSE A 93 -13.52 -16.03 -2.75
N ILE A 94 -11.05 -18.78 2.92
CA ILE A 94 -10.93 -19.01 4.34
C ILE A 94 -12.32 -18.65 4.87
N PRO A 95 -12.97 -19.56 5.58
CA PRO A 95 -14.29 -19.27 6.12
C PRO A 95 -14.25 -18.34 7.34
N ILE A 96 -13.77 -17.12 7.13
CA ILE A 96 -13.70 -16.16 8.22
C ILE A 96 -13.92 -14.78 7.63
N GLU A 97 -14.61 -13.94 8.38
CA GLU A 97 -14.88 -12.57 7.95
C GLU A 97 -14.03 -11.63 8.76
N TRP A 98 -13.03 -11.02 8.15
CA TRP A 98 -12.19 -10.11 8.88
C TRP A 98 -12.80 -8.72 8.83
N VAL A 99 -12.87 -8.07 9.98
CA VAL A 99 -13.43 -6.74 10.08
C VAL A 99 -12.44 -5.81 10.79
N CYS A 100 -12.33 -4.59 10.29
CA CYS A 100 -11.40 -3.63 10.86
C CYS A 100 -12.17 -2.36 11.14
N ARG A 101 -11.89 -1.72 12.28
CA ARG A 101 -12.59 -0.50 12.68
C ARG A 101 -11.67 0.62 13.07
N ARG A 102 -12.11 1.83 12.77
CA ARG A 102 -11.37 3.02 13.17
C ARG A 102 -12.29 3.68 14.19
N ILE A 103 -13.59 3.55 13.96
CA ILE A 103 -14.64 4.12 14.80
C ILE A 103 -15.66 3.06 15.16
N ALA A 104 -16.12 3.05 16.42
CA ALA A 104 -17.12 2.09 16.86
C ALA A 104 -18.53 2.57 16.52
N THR A 105 -19.35 1.68 15.95
CA THR A 105 -20.73 2.01 15.61
C THR A 105 -21.56 0.75 15.61
N GLY A 106 -22.87 0.91 15.41
CA GLY A 106 -23.77 -0.23 15.38
C GLY A 106 -23.32 -1.48 16.13
N SER A 107 -23.47 -2.61 15.45
CA SER A 107 -23.09 -3.92 16.00
C SER A 107 -22.08 -3.88 17.13
N PHE A 108 -20.90 -3.33 16.84
CA PHE A 108 -19.85 -3.25 17.82
C PHE A 108 -20.33 -2.70 19.16
N LEU A 109 -21.05 -1.59 19.11
CA LEU A 109 -21.56 -0.97 20.33
C LEU A 109 -22.36 -1.99 21.10
N LYS A 110 -23.31 -2.60 20.41
CA LYS A 110 -24.17 -3.61 21.01
C LYS A 110 -23.34 -4.73 21.62
N ARG A 111 -22.21 -5.08 21.00
CA ARG A 111 -21.38 -6.15 21.53
C ARG A 111 -20.42 -5.69 22.63
N ASN A 112 -20.09 -4.41 22.63
CA ASN A 112 -19.17 -3.84 23.61
C ASN A 112 -19.82 -2.73 24.42
N PRO A 113 -20.59 -3.11 25.45
CA PRO A 113 -21.27 -2.12 26.29
C PRO A 113 -20.33 -1.14 26.97
N GLY A 114 -20.61 0.15 26.84
CA GLY A 114 -19.77 1.14 27.48
C GLY A 114 -19.02 2.00 26.49
N VAL A 115 -18.59 1.38 25.40
CA VAL A 115 -17.87 2.09 24.36
C VAL A 115 -18.86 3.03 23.67
N LYS A 116 -18.82 4.32 24.02
CA LYS A 116 -19.74 5.27 23.41
C LYS A 116 -19.47 5.37 21.90
N GLU A 117 -20.51 5.56 21.09
CA GLU A 117 -20.29 5.67 19.66
C GLU A 117 -19.27 6.77 19.38
N GLY A 118 -18.39 6.52 18.41
CA GLY A 118 -17.38 7.49 18.04
C GLY A 118 -15.97 7.15 18.52
N TYR A 119 -15.88 6.29 19.53
CA TYR A 119 -14.59 5.89 20.08
C TYR A 119 -13.66 5.53 18.95
N LYS A 120 -12.52 6.19 18.92
CA LYS A 120 -11.55 5.89 17.88
C LYS A 120 -10.55 4.84 18.34
N PHE A 121 -10.32 3.86 17.48
CA PHE A 121 -9.36 2.80 17.76
C PHE A 121 -8.10 3.20 17.00
N TYR A 122 -6.96 3.25 17.67
CA TYR A 122 -5.80 3.69 16.93
C TYR A 122 -4.93 2.68 16.21
N PRO A 123 -4.76 1.48 16.77
CA PRO A 123 -3.91 0.63 15.95
C PRO A 123 -4.31 0.40 14.46
N PRO A 124 -5.61 0.25 14.10
CA PRO A 124 -6.93 0.23 14.72
C PRO A 124 -7.44 -1.20 14.83
N LYS A 125 -8.52 -1.38 15.60
CA LYS A 125 -9.13 -2.67 15.89
C LYS A 125 -9.46 -3.65 14.78
N VAL A 126 -9.02 -4.89 14.98
CA VAL A 126 -9.26 -5.98 14.05
C VAL A 126 -9.93 -7.13 14.79
N GLU A 127 -11.08 -7.55 14.27
CA GLU A 127 -11.85 -8.65 14.83
C GLU A 127 -12.17 -9.59 13.68
N LEU A 128 -12.32 -10.86 13.99
CA LEU A 128 -12.64 -11.82 12.95
C LEU A 128 -13.80 -12.70 13.40
N PHE A 129 -14.70 -12.97 12.46
CA PHE A 129 -15.88 -13.77 12.75
C PHE A 129 -15.83 -15.15 12.11
N PHE A 130 -16.11 -16.15 12.93
CA PHE A 130 -16.10 -17.55 12.51
C PHE A 130 -17.02 -17.79 11.34
N LYS A 131 -16.76 -18.91 10.67
CA LYS A 131 -17.51 -19.37 9.51
C LYS A 131 -18.67 -18.46 9.16
N ASP A 132 -18.67 -17.98 7.92
CA ASP A 132 -19.70 -17.06 7.42
C ASP A 132 -21.14 -17.55 7.58
N ASP A 133 -21.32 -18.84 7.87
CA ASP A 133 -22.64 -19.47 8.02
C ASP A 133 -23.75 -18.51 8.50
N ALA A 134 -24.72 -18.26 7.63
CA ALA A 134 -25.85 -17.36 7.90
C ALA A 134 -26.64 -17.71 9.14
N ASN A 135 -26.14 -18.69 9.90
CA ASN A 135 -26.79 -19.07 11.13
C ASN A 135 -26.33 -18.00 12.11
N ASN A 136 -25.59 -18.38 13.13
CA ASN A 136 -25.11 -17.41 14.10
C ASN A 136 -23.77 -16.75 13.73
N ASP A 137 -22.98 -17.42 12.88
CA ASP A 137 -21.64 -16.96 12.47
C ASP A 137 -21.06 -15.99 13.49
N PRO A 138 -20.66 -16.54 14.66
CA PRO A 138 -20.08 -15.89 15.83
C PRO A 138 -18.83 -15.07 15.62
N GLN A 139 -18.11 -14.85 16.71
CA GLN A 139 -16.88 -14.11 16.69
C GLN A 139 -15.86 -15.07 17.28
N TRP A 140 -14.80 -15.33 16.53
CA TRP A 140 -13.76 -16.25 16.98
C TRP A 140 -12.56 -15.51 17.52
N SER A 141 -11.86 -16.14 18.46
CA SER A 141 -10.68 -15.52 19.00
C SER A 141 -9.59 -15.90 18.01
N GLU A 142 -8.56 -15.08 17.91
CA GLU A 142 -7.47 -15.38 17.00
C GLU A 142 -6.87 -16.73 17.42
N GLU A 143 -7.20 -17.19 18.63
CA GLU A 143 -6.69 -18.45 19.14
C GLU A 143 -7.58 -19.64 18.80
N GLN A 144 -8.85 -19.37 18.54
CA GLN A 144 -9.78 -20.43 18.20
C GLN A 144 -9.63 -20.78 16.73
N LEU A 145 -9.09 -19.84 15.95
CA LEU A 145 -8.89 -20.06 14.52
C LEU A 145 -7.69 -20.97 14.35
N ILE A 146 -6.66 -20.71 15.15
CA ILE A 146 -5.43 -21.51 15.10
C ILE A 146 -5.77 -22.94 15.53
N ALA A 147 -6.51 -23.07 16.62
CA ALA A 147 -6.89 -24.40 17.11
C ALA A 147 -7.85 -25.06 16.15
N ALA A 148 -8.46 -24.26 15.28
CA ALA A 148 -9.40 -24.80 14.30
C ALA A 148 -8.63 -25.73 13.36
N LYS A 149 -7.35 -25.43 13.16
CA LYS A 149 -6.46 -26.21 12.30
C LYS A 149 -6.95 -26.36 10.87
N PHE A 150 -7.41 -25.26 10.29
CA PHE A 150 -7.90 -25.27 8.91
C PHE A 150 -6.77 -25.53 7.94
N CYS A 151 -7.12 -25.99 6.74
CA CYS A 151 -6.12 -26.28 5.72
C CYS A 151 -6.72 -26.14 4.32
N PHE A 152 -6.29 -25.14 3.57
CA PHE A 152 -6.82 -24.95 2.22
C PHE A 152 -5.74 -24.86 1.17
N ALA A 153 -5.97 -25.55 0.05
CA ALA A 153 -5.03 -25.62 -1.05
C ALA A 153 -3.70 -26.15 -0.54
N GLY A 154 -3.75 -26.87 0.57
CA GLY A 154 -2.55 -27.44 1.14
C GLY A 154 -1.94 -26.66 2.28
N LEU A 155 -2.36 -25.41 2.44
CA LEU A 155 -1.83 -24.52 3.49
C LEU A 155 -2.48 -24.67 4.87
N LEU A 156 -1.80 -25.35 5.79
CA LEU A 156 -2.32 -25.51 7.15
C LEU A 156 -2.31 -24.13 7.81
N ILE A 157 -3.46 -23.66 8.29
CA ILE A 157 -3.54 -22.34 8.88
C ILE A 157 -3.31 -22.28 10.39
N GLY A 158 -2.19 -21.68 10.78
CA GLY A 158 -1.86 -21.55 12.19
C GLY A 158 -1.39 -20.16 12.58
N GLN A 159 -0.59 -20.09 13.64
CA GLN A 159 -0.06 -18.82 14.10
C GLN A 159 0.34 -17.92 12.95
N THR A 160 1.41 -18.30 12.24
CA THR A 160 1.91 -17.52 11.12
C THR A 160 0.85 -17.00 10.14
N GLU A 161 0.00 -17.90 9.65
CA GLU A 161 -1.05 -17.52 8.70
C GLU A 161 -2.12 -16.62 9.28
N VAL A 162 -2.53 -16.91 10.50
CA VAL A 162 -3.56 -16.09 11.14
C VAL A 162 -3.01 -14.69 11.40
N ASP A 163 -1.72 -14.63 11.72
CA ASP A 163 -1.04 -13.37 11.99
C ASP A 163 -0.93 -12.54 10.71
N ILE A 164 -0.74 -13.21 9.58
CA ILE A 164 -0.62 -12.52 8.30
C ILE A 164 -1.94 -11.85 7.92
N MSE A 165 -3.04 -12.60 8.04
CA MSE A 165 -4.35 -12.06 7.69
C MSE A 165 -4.77 -10.86 8.53
O MSE A 165 -5.31 -9.89 7.99
CB MSE A 165 -5.42 -13.14 7.78
CG MSE A 165 -5.30 -14.15 6.68
SE MSE A 165 -6.66 -15.50 6.76
CE MSE A 165 -5.78 -16.72 8.00
N SER A 166 -4.53 -10.90 9.84
CA SER A 166 -4.92 -9.78 10.67
C SER A 166 -4.08 -8.56 10.27
N HIS A 167 -2.78 -8.76 10.07
CA HIS A 167 -1.88 -7.67 9.68
C HIS A 167 -2.26 -7.10 8.32
N ALA A 168 -2.54 -7.99 7.38
CA ALA A 168 -2.90 -7.57 6.05
C ALA A 168 -4.23 -6.79 6.04
N THR A 169 -5.15 -7.20 6.93
CA THR A 169 -6.45 -6.56 7.04
C THR A 169 -6.29 -5.11 7.49
N GLN A 170 -5.49 -4.92 8.51
CA GLN A 170 -5.23 -3.59 9.04
C GLN A 170 -4.56 -2.72 7.96
N ALA A 171 -3.62 -3.32 7.24
CA ALA A 171 -2.92 -2.63 6.16
C ALA A 171 -3.90 -2.25 5.07
N ILE A 172 -4.76 -3.18 4.67
CA ILE A 172 -5.71 -2.89 3.62
C ILE A 172 -6.64 -1.77 4.07
N PHE A 173 -6.99 -1.78 5.36
CA PHE A 173 -7.88 -0.76 5.91
C PHE A 173 -7.27 0.62 5.73
N GLU A 174 -6.10 0.79 6.34
CA GLU A 174 -5.37 2.04 6.27
C GLU A 174 -5.20 2.56 4.84
N ILE A 175 -4.95 1.66 3.89
CA ILE A 175 -4.76 2.07 2.51
C ILE A 175 -6.03 2.68 1.96
N LEU A 176 -7.14 2.00 2.18
CA LEU A 176 -8.43 2.46 1.72
C LEU A 176 -8.83 3.69 2.54
N GLU A 177 -8.52 3.68 3.83
CA GLU A 177 -8.85 4.83 4.65
C GLU A 177 -8.21 6.06 4.02
N LYS A 178 -6.91 5.94 3.69
CA LYS A 178 -6.17 7.04 3.10
C LYS A 178 -6.71 7.40 1.73
N SER A 179 -6.88 6.39 0.88
CA SER A 179 -7.38 6.61 -0.48
C SER A 179 -8.67 7.41 -0.52
N TRP A 180 -9.54 7.21 0.48
CA TRP A 180 -10.82 7.91 0.53
C TRP A 180 -10.77 9.36 0.95
N LEU A 181 -9.95 9.67 1.97
CA LEU A 181 -9.85 11.04 2.47
C LEU A 181 -10.01 12.19 1.48
N PRO A 182 -9.38 12.12 0.31
CA PRO A 182 -9.56 13.25 -0.62
C PRO A 182 -11.00 13.45 -1.13
N GLN A 183 -11.82 12.39 -1.08
CA GLN A 183 -13.20 12.50 -1.51
C GLN A 183 -14.03 12.95 -0.32
N ASN A 184 -13.35 13.26 0.78
CA ASN A 184 -13.99 13.71 2.00
C ASN A 184 -14.85 12.60 2.56
N CYS A 185 -14.28 11.41 2.68
CA CYS A 185 -15.00 10.27 3.20
C CYS A 185 -14.20 9.59 4.29
N THR A 186 -14.89 9.18 5.35
CA THR A 186 -14.25 8.51 6.47
C THR A 186 -14.55 7.02 6.46
N LEU A 187 -13.52 6.21 6.38
CA LEU A 187 -13.70 4.78 6.41
C LEU A 187 -13.89 4.49 7.88
N VAL A 188 -15.09 4.05 8.24
CA VAL A 188 -15.39 3.73 9.63
C VAL A 188 -14.98 2.31 9.97
N ASP A 189 -15.31 1.39 9.07
CA ASP A 189 -14.95 0.00 9.28
C ASP A 189 -15.21 -0.78 7.99
N MSE A 190 -14.60 -1.95 7.88
CA MSE A 190 -14.77 -2.77 6.68
C MSE A 190 -14.70 -4.26 6.98
O MSE A 190 -14.18 -4.70 8.01
CB MSE A 190 -13.70 -2.43 5.65
CG MSE A 190 -12.35 -3.04 6.00
SE MSE A 190 -11.09 -2.86 4.56
CE MSE A 190 -12.31 -2.98 3.07
N LYS A 191 -15.23 -5.04 6.03
CA LYS A 191 -15.26 -6.49 6.13
C LYS A 191 -14.50 -7.05 4.93
N ILE A 192 -13.68 -8.07 5.18
CA ILE A 192 -12.89 -8.64 4.11
C ILE A 192 -12.63 -10.13 4.31
N GLU A 193 -12.62 -10.89 3.22
CA GLU A 193 -12.35 -12.32 3.28
C GLU A 193 -11.13 -12.72 2.45
N PHE A 194 -10.33 -13.62 3.00
CA PHE A 194 -9.13 -14.07 2.33
C PHE A 194 -9.30 -15.41 1.67
N GLY A 195 -8.21 -15.88 1.09
CA GLY A 195 -8.20 -17.16 0.41
C GLY A 195 -6.80 -17.53 -0.02
N VAL A 196 -6.48 -18.82 0.03
CA VAL A 196 -5.18 -19.32 -0.38
C VAL A 196 -5.21 -19.59 -1.88
N ASP A 197 -4.32 -18.94 -2.63
CA ASP A 197 -4.24 -19.12 -4.08
C ASP A 197 -3.81 -20.55 -4.36
N VAL A 198 -4.62 -21.31 -5.09
CA VAL A 198 -4.26 -22.69 -5.34
C VAL A 198 -2.91 -22.84 -6.06
N THR A 199 -2.53 -21.81 -6.81
CA THR A 199 -1.26 -21.88 -7.54
C THR A 199 -0.04 -21.50 -6.69
N THR A 200 0.01 -20.24 -6.28
CA THR A 200 1.11 -19.73 -5.49
C THR A 200 1.05 -20.10 -4.03
N LYS A 201 -0.14 -20.46 -3.54
CA LYS A 201 -0.32 -20.84 -2.15
C LYS A 201 -0.21 -19.66 -1.18
N GLU A 202 -0.47 -18.45 -1.67
CA GLU A 202 -0.41 -17.26 -0.83
C GLU A 202 -1.78 -16.85 -0.33
N ILE A 203 -1.82 -16.37 0.90
CA ILE A 203 -3.07 -15.88 1.45
C ILE A 203 -3.32 -14.56 0.72
N VAL A 204 -4.43 -14.46 0.00
CA VAL A 204 -4.77 -13.25 -0.76
C VAL A 204 -6.15 -12.68 -0.44
N LEU A 205 -6.31 -11.36 -0.62
CA LEU A 205 -7.59 -10.67 -0.40
C LEU A 205 -8.40 -11.26 -1.54
N ALA A 206 -9.08 -12.35 -1.26
CA ALA A 206 -9.79 -13.08 -2.29
C ALA A 206 -11.24 -12.82 -2.63
N ASP A 207 -11.91 -11.87 -1.99
CA ASP A 207 -13.29 -11.74 -2.37
C ASP A 207 -13.91 -10.35 -2.34
N VAL A 208 -14.56 -10.01 -3.46
CA VAL A 208 -15.25 -8.74 -3.64
C VAL A 208 -15.37 -7.77 -2.47
N ILE A 209 -15.23 -6.48 -2.78
CA ILE A 209 -15.37 -5.42 -1.81
C ILE A 209 -16.28 -4.37 -2.44
N ASP A 210 -17.58 -4.44 -2.13
CA ASP A 210 -18.53 -3.47 -2.66
C ASP A 210 -18.96 -2.55 -1.53
N ASN A 211 -20.08 -1.86 -1.71
CA ASN A 211 -20.54 -0.93 -0.69
C ASN A 211 -21.10 -1.54 0.58
N ASP A 212 -21.20 -2.88 0.61
CA ASP A 212 -21.69 -3.56 1.79
C ASP A 212 -20.53 -4.22 2.51
N SER A 213 -19.33 -3.92 2.02
CA SER A 213 -18.11 -4.46 2.58
C SER A 213 -17.50 -3.42 3.52
N TRP A 214 -17.98 -2.18 3.41
CA TRP A 214 -17.48 -1.11 4.26
C TRP A 214 -18.53 -0.08 4.63
N ARG A 215 -18.14 0.92 5.41
CA ARG A 215 -19.04 1.99 5.83
C ARG A 215 -18.32 3.33 5.78
N LEU A 216 -18.80 4.22 4.93
CA LEU A 216 -18.19 5.53 4.74
C LEU A 216 -18.98 6.74 5.21
N TRP A 217 -18.54 7.37 6.30
CA TRP A 217 -19.18 8.57 6.82
C TRP A 217 -18.98 9.69 5.79
N PRO A 218 -19.60 10.86 6.01
CA PRO A 218 -19.49 11.99 5.09
C PRO A 218 -18.33 12.91 5.45
N SER A 219 -17.89 12.83 6.70
CA SER A 219 -16.76 13.63 7.20
C SER A 219 -16.27 14.76 6.29
N GLY A 220 -16.85 15.94 6.43
CA GLY A 220 -16.45 17.06 5.60
C GLY A 220 -15.18 17.71 6.12
N PRO A 239 -18.86 12.61 14.37
CA PRO A 239 -19.89 13.35 15.12
C PRO A 239 -20.01 14.82 14.70
N GLU A 240 -20.94 15.11 13.80
CA GLU A 240 -21.16 16.48 13.30
C GLU A 240 -22.32 16.62 12.32
N GLY A 241 -22.41 15.70 11.35
CA GLY A 241 -23.47 15.73 10.37
C GLY A 241 -24.77 15.12 10.91
N LEU A 242 -25.61 14.62 10.02
CA LEU A 242 -26.90 13.99 10.40
C LEU A 242 -26.66 12.88 11.44
N GLN A 243 -27.57 11.91 11.51
CA GLN A 243 -27.41 10.80 12.45
C GLN A 243 -26.26 9.94 11.94
N MSE A 244 -25.65 10.40 10.86
CA MSE A 244 -24.52 9.75 10.20
C MSE A 244 -25.00 8.64 9.26
O MSE A 244 -25.36 7.54 9.69
CB MSE A 244 -23.53 9.19 11.24
CG MSE A 244 -22.98 10.25 12.19
SE MSE A 244 -21.83 11.60 11.37
CE MSE A 244 -23.08 12.53 10.21
N VAL A 245 -24.98 8.94 7.97
CA VAL A 245 -25.45 8.00 6.98
C VAL A 245 -24.36 7.56 6.01
N LYS A 246 -24.18 6.24 5.94
CA LYS A 246 -23.20 5.62 5.06
C LYS A 246 -23.53 6.10 3.66
N LYS A 247 -22.53 6.30 2.82
CA LYS A 247 -22.79 6.76 1.46
C LYS A 247 -23.52 5.64 0.73
N ASN A 248 -24.48 6.00 -0.12
CA ASN A 248 -25.24 4.99 -0.86
C ASN A 248 -24.41 4.52 -2.04
N PHE A 249 -24.50 3.22 -2.32
CA PHE A 249 -23.78 2.59 -3.40
C PHE A 249 -23.74 3.41 -4.70
N GLU A 250 -24.67 4.33 -4.87
CA GLU A 250 -24.70 5.14 -6.07
C GLU A 250 -23.59 6.19 -6.05
N TRP A 251 -23.52 6.93 -4.95
CA TRP A 251 -22.50 7.97 -4.82
C TRP A 251 -21.11 7.36 -4.73
N VAL A 252 -21.00 6.26 -4.01
CA VAL A 252 -19.73 5.58 -3.88
C VAL A 252 -19.25 5.17 -5.27
N ALA A 253 -20.19 4.63 -6.05
CA ALA A 253 -19.91 4.19 -7.41
C ALA A 253 -19.18 5.20 -8.26
N GLU A 254 -19.70 6.42 -8.35
CA GLU A 254 -19.07 7.42 -9.18
C GLU A 254 -17.93 8.22 -8.55
N ARG A 255 -17.22 7.58 -7.63
CA ARG A 255 -16.10 8.23 -6.95
C ARG A 255 -14.91 7.29 -6.93
N VAL A 256 -15.17 6.01 -6.74
CA VAL A 256 -14.12 4.99 -6.65
C VAL A 256 -13.02 5.01 -7.69
N GLU A 257 -13.33 5.45 -8.90
CA GLU A 257 -12.31 5.50 -9.94
C GLU A 257 -11.33 6.64 -9.67
N LEU A 258 -11.78 7.61 -8.87
CA LEU A 258 -10.94 8.76 -8.55
C LEU A 258 -9.86 8.37 -7.54
N LEU A 259 -10.06 7.27 -6.83
CA LEU A 259 -9.08 6.80 -5.86
C LEU A 259 -7.86 6.25 -6.58
N LEU A 260 -8.01 5.98 -7.88
CA LEU A 260 -6.91 5.44 -8.66
C LEU A 260 -5.96 6.51 -9.17
N LYS A 261 -6.21 7.76 -8.79
CA LYS A 261 -5.38 8.86 -9.22
C LYS A 261 -5.11 9.86 -8.09
N SER A 262 -3.99 10.56 -8.17
CA SER A 262 -3.67 11.54 -7.15
C SER A 262 -3.50 12.96 -7.65
N GLU A 263 -3.87 13.89 -6.77
CA GLU A 263 -3.79 15.32 -7.01
C GLU A 263 -2.36 15.81 -6.83
N SER A 264 -1.64 15.16 -5.93
CA SER A 264 -0.28 15.52 -5.64
C SER A 264 0.70 15.03 -6.68
N GLN A 265 1.37 15.96 -7.33
CA GLN A 265 2.37 15.61 -8.31
C GLN A 265 3.66 15.53 -7.54
N CYS A 266 4.60 14.76 -8.05
CA CYS A 266 5.88 14.63 -7.37
C CYS A 266 7.00 14.23 -8.29
N ARG A 267 8.20 14.73 -7.98
CA ARG A 267 9.38 14.46 -8.78
C ARG A 267 10.65 14.44 -7.96
N VAL A 268 11.54 13.48 -8.27
CA VAL A 268 12.80 13.41 -7.58
C VAL A 268 13.87 13.69 -8.60
N VAL A 269 14.73 14.65 -8.30
CA VAL A 269 15.82 15.03 -9.19
C VAL A 269 17.12 14.66 -8.51
N VAL A 270 17.89 13.82 -9.20
CA VAL A 270 19.17 13.37 -8.68
C VAL A 270 20.31 14.17 -9.32
N LEU A 271 21.08 14.86 -8.47
CA LEU A 271 22.22 15.63 -8.94
C LEU A 271 23.48 14.86 -8.60
N MSE A 272 24.34 14.66 -9.60
CA MSE A 272 25.59 13.95 -9.36
C MSE A 272 26.78 14.79 -9.83
O MSE A 272 26.77 15.33 -10.95
CB MSE A 272 25.61 12.60 -10.08
CG MSE A 272 25.64 12.69 -11.59
SE MSE A 272 25.70 10.95 -12.45
CE MSE A 272 23.80 10.58 -12.55
N GLY A 273 27.78 14.92 -8.96
CA GLY A 273 28.95 15.71 -9.29
C GLY A 273 29.81 15.05 -10.35
N SER A 274 29.64 13.75 -10.56
CA SER A 274 30.44 13.05 -11.56
C SER A 274 29.76 11.83 -12.13
N THR A 275 29.80 11.73 -13.45
CA THR A 275 29.17 10.61 -14.15
C THR A 275 29.70 9.25 -13.72
N SER A 276 30.83 9.22 -13.02
CA SER A 276 31.35 7.93 -12.59
C SER A 276 30.53 7.35 -11.42
N ASP A 277 29.50 8.07 -11.00
CA ASP A 277 28.63 7.61 -9.93
C ASP A 277 27.24 7.31 -10.52
N LEU A 278 27.17 7.38 -11.85
CA LEU A 278 25.95 7.12 -12.59
C LEU A 278 25.25 5.88 -12.06
N GLY A 279 26.03 4.82 -11.78
CA GLY A 279 25.45 3.59 -11.29
C GLY A 279 24.75 3.78 -9.96
N HIS A 280 25.33 4.61 -9.11
CA HIS A 280 24.76 4.87 -7.79
C HIS A 280 23.44 5.57 -7.97
N CYS A 281 23.44 6.59 -8.81
CA CYS A 281 22.24 7.36 -9.07
C CYS A 281 21.14 6.52 -9.69
N GLU A 282 21.48 5.54 -10.51
CA GLU A 282 20.48 4.70 -11.13
C GLU A 282 19.75 3.79 -10.16
N LYS A 283 20.42 3.38 -9.09
CA LYS A 283 19.76 2.56 -8.08
C LYS A 283 18.69 3.43 -7.42
N ILE A 284 19.00 4.70 -7.23
CA ILE A 284 18.02 5.61 -6.66
C ILE A 284 16.85 5.75 -7.65
N LYS A 285 17.17 6.02 -8.91
CA LYS A 285 16.13 6.17 -9.94
C LYS A 285 15.21 4.96 -10.04
N LYS A 286 15.80 3.77 -10.08
CA LYS A 286 15.04 2.53 -10.18
C LYS A 286 14.15 2.39 -8.95
N ALA A 287 14.73 2.69 -7.79
CA ALA A 287 14.01 2.62 -6.53
C ALA A 287 12.79 3.55 -6.56
N CYS A 288 13.00 4.77 -7.03
CA CYS A 288 11.95 5.77 -7.14
C CYS A 288 10.86 5.17 -8.04
N GLY A 289 11.29 4.41 -9.03
CA GLY A 289 10.37 3.76 -9.94
C GLY A 289 9.46 2.80 -9.20
N ASN A 290 9.97 2.17 -8.14
CA ASN A 290 9.17 1.24 -7.35
C ASN A 290 8.04 1.91 -6.57
N PHE A 291 8.15 3.21 -6.34
CA PHE A 291 7.13 3.96 -5.60
C PHE A 291 6.36 4.87 -6.55
N GLY A 292 6.47 4.58 -7.85
CA GLY A 292 5.79 5.37 -8.85
C GLY A 292 6.18 6.85 -8.89
N ILE A 293 7.38 7.20 -8.46
CA ILE A 293 7.75 8.60 -8.49
C ILE A 293 8.71 8.89 -9.61
N PRO A 294 8.35 9.82 -10.49
CA PRO A 294 9.24 10.16 -11.61
C PRO A 294 10.56 10.71 -11.09
N CYS A 295 11.65 10.25 -11.71
CA CYS A 295 12.98 10.65 -11.27
C CYS A 295 13.92 10.94 -12.42
N GLU A 296 14.67 12.04 -12.30
CA GLU A 296 15.61 12.44 -13.34
C GLU A 296 17.01 12.56 -12.81
N LEU A 297 17.98 12.14 -13.62
CA LEU A 297 19.38 12.21 -13.24
C LEU A 297 20.00 13.38 -13.96
N ARG A 298 20.91 14.07 -13.29
CA ARG A 298 21.59 15.19 -13.91
C ARG A 298 23.00 15.37 -13.41
N VAL A 299 23.84 15.96 -14.25
CA VAL A 299 25.25 16.16 -13.92
C VAL A 299 25.54 17.61 -13.60
N THR A 300 26.07 17.85 -12.41
CA THR A 300 26.41 19.22 -12.05
C THR A 300 27.42 19.25 -10.90
N SER A 301 28.31 20.22 -10.94
CA SER A 301 29.35 20.32 -9.90
C SER A 301 29.35 21.63 -9.14
N ALA A 302 29.15 21.54 -7.83
CA ALA A 302 29.14 22.71 -6.99
C ALA A 302 30.52 23.35 -7.04
N HIS A 303 31.52 22.48 -7.15
CA HIS A 303 32.91 22.92 -7.18
C HIS A 303 33.36 23.43 -8.54
N LYS A 304 32.85 22.84 -9.62
CA LYS A 304 33.23 23.26 -10.96
C LYS A 304 32.27 24.26 -11.59
N GLY A 305 30.99 23.94 -11.64
CA GLY A 305 30.03 24.86 -12.20
C GLY A 305 29.07 25.33 -11.12
N PRO A 306 29.53 26.15 -10.16
CA PRO A 306 28.64 26.63 -9.08
C PRO A 306 27.42 27.26 -9.69
N ASP A 307 27.69 28.21 -10.58
CA ASP A 307 26.66 28.95 -11.30
C ASP A 307 25.67 28.03 -12.02
N GLU A 308 26.18 26.99 -12.68
CA GLU A 308 25.31 26.08 -13.41
C GLU A 308 24.36 25.28 -12.51
N THR A 309 24.88 24.82 -11.36
CA THR A 309 24.09 24.07 -10.38
C THR A 309 22.87 24.92 -9.97
N LEU A 310 23.12 26.17 -9.62
CA LEU A 310 22.02 27.05 -9.26
C LEU A 310 21.05 27.19 -10.43
N ARG A 311 21.57 27.32 -11.65
CA ARG A 311 20.69 27.44 -12.81
C ARG A 311 19.71 26.26 -12.93
N ILE A 312 20.27 25.05 -12.93
CA ILE A 312 19.47 23.83 -13.03
C ILE A 312 18.48 23.76 -11.86
N LYS A 313 18.92 24.22 -10.69
CA LYS A 313 18.05 24.22 -9.52
C LYS A 313 16.83 25.06 -9.85
N ALA A 314 17.07 26.25 -10.40
CA ALA A 314 16.00 27.19 -10.77
C ALA A 314 14.94 26.63 -11.73
N GLU A 315 15.35 25.84 -12.72
CA GLU A 315 14.36 25.30 -13.65
C GLU A 315 13.50 24.18 -13.10
N TYR A 316 13.85 23.67 -11.93
CA TYR A 316 13.04 22.65 -11.29
C TYR A 316 12.16 23.37 -10.29
N GLU A 317 12.66 24.48 -9.77
CA GLU A 317 11.89 25.27 -8.80
C GLU A 317 10.80 26.05 -9.53
N GLY A 318 11.18 26.73 -10.61
CA GLY A 318 10.24 27.53 -11.35
C GLY A 318 9.07 26.85 -12.06
N ASP A 319 9.15 25.54 -12.30
CA ASP A 319 8.08 24.85 -13.01
C ASP A 319 6.97 24.29 -12.14
N GLY A 320 6.91 24.75 -10.90
CA GLY A 320 5.88 24.31 -9.98
C GLY A 320 5.68 22.86 -9.58
N ILE A 321 6.45 21.91 -10.12
CA ILE A 321 6.28 20.51 -9.74
C ILE A 321 6.93 20.26 -8.37
N PRO A 322 6.17 19.76 -7.39
CA PRO A 322 6.79 19.52 -6.08
C PRO A 322 7.96 18.58 -6.29
N THR A 323 9.14 19.05 -5.90
CA THR A 323 10.37 18.32 -6.07
C THR A 323 11.20 18.09 -4.81
N VAL A 324 11.98 17.00 -4.84
CA VAL A 324 12.89 16.63 -3.77
C VAL A 324 14.22 16.43 -4.47
N PHE A 325 15.28 17.02 -3.95
CA PHE A 325 16.61 16.89 -4.53
C PHE A 325 17.47 15.87 -3.77
N VAL A 326 18.13 15.01 -4.53
CA VAL A 326 19.00 14.02 -3.93
C VAL A 326 20.39 14.32 -4.48
N ALA A 327 21.30 14.76 -3.60
CA ALA A 327 22.68 15.11 -3.99
C ALA A 327 23.65 13.95 -3.84
N VAL A 328 24.32 13.59 -4.92
CA VAL A 328 25.30 12.51 -4.91
C VAL A 328 26.68 13.04 -5.27
N ALA A 329 27.51 13.32 -4.27
CA ALA A 329 28.85 13.82 -4.54
C ALA A 329 29.90 13.06 -3.71
N GLY A 330 30.86 12.44 -4.38
CA GLY A 330 31.92 11.71 -3.70
C GLY A 330 32.92 12.64 -3.03
N ARG A 331 33.78 12.10 -2.18
CA ARG A 331 34.75 12.92 -1.46
C ARG A 331 34.03 14.05 -0.72
N SER A 332 34.70 15.19 -0.58
CA SER A 332 34.07 16.33 0.09
C SER A 332 32.84 16.76 -0.72
N ASN A 333 31.69 16.53 -0.11
CA ASN A 333 30.40 16.83 -0.69
C ASN A 333 29.99 18.26 -0.42
N GLY A 334 30.09 19.09 -1.46
CA GLY A 334 29.72 20.49 -1.33
C GLY A 334 28.46 20.73 -2.15
N LEU A 335 28.10 19.71 -2.91
CA LEU A 335 26.91 19.76 -3.74
C LEU A 335 25.66 19.80 -2.86
N GLY A 336 25.54 18.85 -1.96
CA GLY A 336 24.38 18.81 -1.09
C GLY A 336 24.26 20.10 -0.31
N PRO A 337 25.31 20.48 0.44
CA PRO A 337 25.29 21.71 1.23
C PRO A 337 24.87 22.93 0.42
N VAL A 338 25.43 23.12 -0.78
CA VAL A 338 25.06 24.29 -1.57
C VAL A 338 23.59 24.25 -2.01
N MSE A 339 23.13 23.10 -2.54
CA MSE A 339 21.74 22.97 -2.96
C MSE A 339 20.81 23.37 -1.83
O MSE A 339 20.04 24.31 -1.94
CB MSE A 339 21.43 21.54 -3.37
CG MSE A 339 21.82 21.19 -4.80
SE MSE A 339 20.97 22.41 -6.06
CE MSE A 339 19.09 22.10 -5.60
N SER A 340 20.89 22.64 -0.73
CA SER A 340 20.05 22.91 0.44
C SER A 340 20.02 24.40 0.82
N GLY A 341 21.15 25.07 0.73
CA GLY A 341 21.22 26.48 1.11
C GLY A 341 20.58 27.46 0.14
N ASN A 342 20.24 27.00 -1.06
CA ASN A 342 19.64 27.88 -2.06
C ASN A 342 18.25 27.49 -2.55
N THR A 343 17.64 26.50 -1.91
CA THR A 343 16.30 26.05 -2.29
C THR A 343 15.43 25.77 -1.08
N ALA A 344 14.15 26.09 -1.19
CA ALA A 344 13.24 25.86 -0.09
C ALA A 344 12.68 24.44 -0.09
N TYR A 345 13.05 23.66 -1.11
CA TYR A 345 12.62 22.25 -1.17
C TYR A 345 13.59 21.34 -0.37
N PRO A 346 13.15 20.12 -0.04
CA PRO A 346 14.06 19.25 0.70
C PRO A 346 15.28 18.82 -0.09
N VAL A 347 16.39 18.58 0.61
CA VAL A 347 17.61 18.12 -0.05
C VAL A 347 18.27 16.98 0.74
N ILE A 348 18.38 15.82 0.11
CA ILE A 348 19.00 14.65 0.72
C ILE A 348 20.41 14.46 0.15
N SER A 349 21.39 14.26 1.01
CA SER A 349 22.73 13.99 0.53
C SER A 349 22.83 12.47 0.63
N CYS A 350 23.14 11.82 -0.48
CA CYS A 350 23.27 10.37 -0.50
C CYS A 350 24.62 10.06 -1.13
N PRO A 351 25.69 10.15 -0.33
CA PRO A 351 27.08 9.91 -0.72
C PRO A 351 27.36 8.49 -1.15
N PRO A 352 28.13 8.36 -2.23
CA PRO A 352 28.50 7.05 -2.78
C PRO A 352 29.77 6.60 -2.05
N LEU A 353 29.63 6.28 -0.77
CA LEU A 353 30.75 5.85 0.05
C LEU A 353 31.20 4.44 -0.26
N THR A 354 32.48 4.17 -0.03
CA THR A 354 33.03 2.83 -0.19
C THR A 354 33.83 2.68 1.10
N PRO A 355 34.02 1.44 1.57
CA PRO A 355 34.79 1.33 2.82
C PRO A 355 36.24 1.83 2.79
N ASP A 356 36.76 2.13 1.60
CA ASP A 356 38.12 2.66 1.50
C ASP A 356 38.30 3.96 2.30
N TRP A 357 37.57 5.00 1.92
CA TRP A 357 37.66 6.28 2.63
C TRP A 357 36.32 6.79 3.12
N GLY A 358 35.32 5.89 3.10
CA GLY A 358 33.97 6.24 3.51
C GLY A 358 33.89 6.96 4.84
N VAL A 359 34.54 6.38 5.85
CA VAL A 359 34.54 6.97 7.18
C VAL A 359 35.06 8.40 7.19
N GLN A 360 35.90 8.74 6.23
CA GLN A 360 36.38 10.11 6.20
C GLN A 360 35.42 11.04 5.42
N ASP A 361 34.82 10.52 4.37
CA ASP A 361 33.93 11.33 3.55
C ASP A 361 32.56 11.67 4.10
N VAL A 362 31.87 10.75 4.78
CA VAL A 362 30.52 11.08 5.27
C VAL A 362 30.41 12.38 6.02
N TRP A 363 31.44 12.70 6.80
CA TRP A 363 31.36 13.92 7.60
C TRP A 363 31.21 15.21 6.81
N SER A 364 31.53 15.20 5.52
CA SER A 364 31.35 16.43 4.77
C SER A 364 29.88 16.60 4.48
N SER A 365 29.10 15.52 4.59
CA SER A 365 27.66 15.57 4.36
C SER A 365 26.93 15.79 5.67
N LEU A 366 27.50 15.34 6.76
CA LEU A 366 26.95 15.57 8.10
C LEU A 366 27.75 16.82 8.42
N ARG A 367 27.62 17.39 9.62
CA ARG A 367 28.43 18.58 9.98
C ARG A 367 28.41 19.70 8.94
N LEU A 368 27.28 20.40 8.82
CA LEU A 368 27.12 21.49 7.88
C LEU A 368 26.99 22.78 8.65
N PRO A 369 27.35 23.90 8.04
CA PRO A 369 27.23 25.18 8.77
C PRO A 369 25.74 25.39 9.06
N SER A 370 25.42 26.18 10.08
CA SER A 370 24.01 26.42 10.46
C SER A 370 23.09 26.90 9.33
N GLY A 371 21.79 26.67 9.52
CA GLY A 371 20.82 27.12 8.54
C GLY A 371 20.63 26.19 7.36
N LEU A 372 21.11 24.95 7.49
CA LEU A 372 20.99 23.98 6.42
C LEU A 372 20.17 22.78 6.86
N GLY A 373 19.00 22.60 6.26
CA GLY A 373 18.16 21.48 6.64
C GLY A 373 18.63 20.16 6.07
N CYS A 374 19.55 20.25 5.11
CA CYS A 374 20.11 19.09 4.43
C CYS A 374 20.19 17.82 5.27
N SER A 375 19.59 16.73 4.78
CA SER A 375 19.62 15.48 5.51
C SER A 375 20.48 14.47 4.78
N THR A 376 21.01 13.51 5.52
CA THR A 376 21.85 12.48 4.93
C THR A 376 21.20 11.10 5.00
N VAL A 377 21.37 10.31 3.94
CA VAL A 377 20.87 8.93 3.87
C VAL A 377 21.86 8.15 3.04
N LEU A 378 22.55 7.20 3.67
CA LEU A 378 23.57 6.45 2.97
C LEU A 378 23.08 5.48 1.88
N SER A 379 22.01 4.73 2.16
CA SER A 379 21.48 3.75 1.21
C SER A 379 20.84 4.41 -0.01
N PRO A 380 21.31 4.05 -1.23
CA PRO A 380 20.74 4.63 -2.44
C PRO A 380 19.25 4.38 -2.50
N GLU A 381 18.83 3.12 -2.37
CA GLU A 381 17.40 2.86 -2.43
C GLU A 381 16.76 3.50 -1.21
N GLY A 382 17.49 3.49 -0.10
CA GLY A 382 16.97 4.11 1.11
C GLY A 382 16.65 5.59 0.89
N SER A 383 17.46 6.28 0.11
CA SER A 383 17.17 7.69 -0.10
C SER A 383 15.91 7.84 -0.94
N ALA A 384 15.70 6.94 -1.89
CA ALA A 384 14.51 6.99 -2.72
C ALA A 384 13.28 6.75 -1.82
N GLN A 385 13.41 5.80 -0.90
CA GLN A 385 12.34 5.50 0.01
C GLN A 385 12.01 6.73 0.84
N PHE A 386 13.03 7.40 1.37
CA PHE A 386 12.77 8.58 2.18
C PHE A 386 12.00 9.59 1.32
N ALA A 387 12.46 9.82 0.09
CA ALA A 387 11.80 10.76 -0.81
C ALA A 387 10.34 10.36 -0.97
N ALA A 388 10.09 9.07 -1.16
CA ALA A 388 8.74 8.56 -1.31
C ALA A 388 7.94 8.94 -0.08
N GLN A 389 8.46 8.67 1.11
CA GLN A 389 7.75 9.00 2.36
C GLN A 389 7.47 10.50 2.47
N ILE A 390 8.33 11.31 1.86
CA ILE A 390 8.13 12.76 1.86
C ILE A 390 6.88 13.04 1.00
N PHE A 391 6.92 12.59 -0.25
CA PHE A 391 5.80 12.79 -1.16
C PHE A 391 4.55 12.06 -0.68
N GLY A 392 4.75 10.94 0.01
CA GLY A 392 3.63 10.17 0.51
C GLY A 392 2.71 10.97 1.40
N LEU A 393 3.23 11.98 2.09
CA LEU A 393 2.42 12.83 2.97
C LEU A 393 1.32 13.53 2.17
N SER A 394 1.45 13.54 0.85
CA SER A 394 0.46 14.21 0.00
C SER A 394 -0.13 13.36 -1.10
N ASN A 395 0.54 12.28 -1.45
CA ASN A 395 0.07 11.41 -2.52
C ASN A 395 -0.32 10.08 -1.90
N HIS A 396 -1.62 9.83 -1.75
CA HIS A 396 -2.07 8.58 -1.14
C HIS A 396 -1.61 7.38 -1.92
N LEU A 397 -1.50 7.51 -3.24
CA LEU A 397 -1.03 6.37 -4.02
C LEU A 397 0.37 5.99 -3.59
N VAL A 398 1.21 6.99 -3.28
CA VAL A 398 2.57 6.68 -2.84
C VAL A 398 2.52 6.13 -1.41
N TRP A 399 1.75 6.78 -0.53
CA TRP A 399 1.62 6.30 0.83
C TRP A 399 1.25 4.83 0.84
N SER A 400 0.28 4.48 -0.02
CA SER A 400 -0.19 3.11 -0.10
C SER A 400 0.93 2.13 -0.39
N LYS A 401 1.77 2.47 -1.36
CA LYS A 401 2.89 1.60 -1.73
C LYS A 401 3.86 1.43 -0.58
N LEU A 402 4.07 2.50 0.17
CA LEU A 402 4.94 2.44 1.34
C LEU A 402 4.32 1.45 2.34
N ARG A 403 3.03 1.64 2.64
CA ARG A 403 2.31 0.77 3.56
C ARG A 403 2.28 -0.70 3.16
N ALA A 404 1.96 -0.98 1.90
CA ALA A 404 1.92 -2.37 1.43
C ALA A 404 3.30 -2.98 1.64
N SER A 405 4.32 -2.20 1.27
CA SER A 405 5.70 -2.64 1.42
C SER A 405 6.02 -2.98 2.87
N ILE A 406 5.64 -2.11 3.80
CA ILE A 406 5.88 -2.40 5.21
C ILE A 406 5.29 -3.78 5.52
N LEU A 407 4.01 -3.97 5.18
CA LEU A 407 3.35 -5.24 5.40
C LEU A 407 4.09 -6.42 4.77
N ASN A 408 4.25 -6.37 3.45
CA ASN A 408 4.93 -7.45 2.73
C ASN A 408 6.30 -7.82 3.28
N THR A 409 7.05 -6.83 3.76
CA THR A 409 8.36 -7.13 4.34
C THR A 409 8.17 -7.97 5.60
N TRP A 410 7.11 -7.67 6.36
CA TRP A 410 6.75 -8.42 7.56
C TRP A 410 6.36 -9.83 7.14
N ILE A 411 5.52 -9.93 6.10
CA ILE A 411 5.11 -11.25 5.61
C ILE A 411 6.38 -12.06 5.32
N SER A 412 7.34 -11.42 4.64
CA SER A 412 8.58 -12.09 4.29
C SER A 412 9.39 -12.50 5.49
N LEU A 413 9.42 -11.65 6.52
CA LEU A 413 10.18 -11.99 7.72
C LEU A 413 9.54 -13.23 8.33
N LYS A 414 8.22 -13.14 8.50
CA LYS A 414 7.43 -14.23 9.06
C LYS A 414 7.73 -15.57 8.39
N GLN A 415 7.75 -15.58 7.07
CA GLN A 415 8.01 -16.82 6.36
C GLN A 415 9.43 -17.37 6.50
N ALA A 416 10.43 -16.50 6.53
CA ALA A 416 11.80 -16.96 6.67
C ALA A 416 11.99 -17.64 8.03
N ASP A 417 11.37 -17.07 9.06
CA ASP A 417 11.45 -17.65 10.40
C ASP A 417 10.76 -19.02 10.42
N LYS A 418 9.60 -19.13 9.77
CA LYS A 418 8.90 -20.40 9.74
C LYS A 418 9.70 -21.43 8.93
N LYS A 419 10.40 -20.97 7.90
CA LYS A 419 11.17 -21.89 7.08
C LYS A 419 12.43 -22.36 7.80
N ILE A 420 12.99 -21.53 8.68
CA ILE A 420 14.20 -21.91 9.41
C ILE A 420 13.82 -22.65 10.68
N ARG A 421 12.56 -22.46 11.09
CA ARG A 421 12.03 -23.08 12.27
C ARG A 421 11.90 -24.58 11.98
N GLU A 422 11.62 -24.92 10.72
CA GLU A 422 11.48 -26.32 10.26
C GLU A 422 12.75 -27.08 10.57
N CYS A 423 13.87 -26.37 10.50
CA CYS A 423 15.19 -26.95 10.71
C CYS A 423 15.71 -26.91 12.15
N ASN A 424 14.80 -26.94 13.11
CA ASN A 424 15.16 -26.94 14.53
C ASN A 424 14.61 -28.20 15.17
N LEU A 425 14.53 -29.25 14.35
CA LEU A 425 14.03 -30.57 14.75
C LEU A 425 15.16 -31.46 15.27
C CO2 B . 31.99 21.12 0.47
O1 CO2 B . 31.06 21.33 1.18
O2 CO2 B . 32.91 20.94 -0.24
#